data_1V9T
#
_entry.id   1V9T
#
_cell.length_a   79.280
_cell.length_b   79.280
_cell.length_c   56.630
_cell.angle_alpha   90.00
_cell.angle_beta   90.00
_cell.angle_gamma   120.00
#
_symmetry.space_group_name_H-M   'P 32'
#
loop_
_entity.id
_entity.type
_entity.pdbx_description
1 polymer 'cyclophilin B'
2 polymer (SIN)APA(NIT)
3 water water
#
loop_
_entity_poly.entity_id
_entity_poly.type
_entity_poly.pdbx_seq_one_letter_code
_entity_poly.pdbx_strand_id
1 'polypeptide(L)'
;AKGDPHVLLTTSAGNIELELDKQKAPVSVQNFVDYVNSGFYNNTTFHRVIPGFMIQGGGFTEQMQQKKPNPPIKNEADNG
LRNTRGTIAMARTADKDSATSQFFINVADNAFLDHGQRDFGYAVFGKVVKGMDVADKISQVPTHDVGPYQNVPSKPVVIL
SATVLP
;
A,B
2 'polypeptide(L)' (SIN)APA(NIT) C
#
# COMPACT_ATOMS: atom_id res chain seq x y z
N ALA A 1 24.61 -0.60 18.48
CA ALA A 1 23.58 -0.68 19.57
C ALA A 1 23.29 0.70 20.16
N LYS A 2 23.43 0.80 21.48
CA LYS A 2 23.22 2.05 22.20
C LYS A 2 24.51 2.86 22.25
N GLY A 3 24.61 3.87 21.40
CA GLY A 3 25.89 4.52 21.19
C GLY A 3 25.93 6.02 21.42
N ASP A 4 25.05 6.76 20.75
CA ASP A 4 25.04 8.21 20.84
C ASP A 4 24.11 8.88 19.81
N PRO A 5 24.54 8.98 18.54
CA PRO A 5 23.73 9.76 17.59
C PRO A 5 22.44 9.04 17.19
N HIS A 6 21.36 9.80 17.03
CA HIS A 6 20.13 9.26 16.48
C HIS A 6 19.93 9.78 15.05
N VAL A 7 19.42 8.90 14.20
CA VAL A 7 19.15 9.23 12.80
C VAL A 7 17.72 8.83 12.43
N LEU A 8 17.00 9.76 11.79
CA LEU A 8 15.66 9.46 11.32
C LEU A 8 15.67 9.24 9.81
N LEU A 9 15.27 8.04 9.40
CA LEU A 9 15.00 7.76 8.00
C LEU A 9 13.51 7.92 7.72
N THR A 10 13.15 8.90 6.92
CA THR A 10 11.75 9.09 6.52
C THR A 10 11.56 8.46 5.15
N THR A 11 10.82 7.35 5.10
CA THR A 11 10.60 6.62 3.86
C THR A 11 9.15 6.78 3.39
N SER A 12 8.93 6.44 2.12
CA SER A 12 7.58 6.49 1.56
C SER A 12 6.64 5.53 2.27
N ALA A 13 7.20 4.64 3.08
CA ALA A 13 6.40 3.64 3.79
C ALA A 13 6.26 3.94 5.29
N GLY A 14 6.95 4.97 5.75
CA GLY A 14 6.91 5.30 7.16
C GLY A 14 8.27 5.66 7.71
N ASN A 15 8.32 5.96 9.00
CA ASN A 15 9.54 6.47 9.62
C ASN A 15 10.27 5.40 10.44
N ILE A 16 11.59 5.40 10.35
CA ILE A 16 12.42 4.50 11.16
C ILE A 16 13.49 5.34 11.86
N GLU A 17 13.56 5.25 13.19
CA GLU A 17 14.59 5.96 13.95
C GLU A 17 15.68 4.99 14.41
N LEU A 18 16.93 5.40 14.17
CA LEU A 18 18.10 4.61 14.51
C LEU A 18 18.88 5.22 15.67
N GLU A 19 19.47 4.36 16.50
CA GLU A 19 20.47 4.81 17.46
C GLU A 19 21.78 4.11 17.13
N LEU A 20 22.82 4.90 16.92
CA LEU A 20 24.10 4.36 16.46
C LEU A 20 25.08 4.21 17.61
N ASP A 21 25.88 3.14 17.56
CA ASP A 21 26.78 2.79 18.64
C ASP A 21 28.18 3.30 18.35
N LYS A 22 28.44 4.54 18.77
CA LYS A 22 29.70 5.21 18.48
C LYS A 22 30.87 4.57 19.24
N GLN A 23 30.57 3.98 20.39
CA GLN A 23 31.59 3.34 21.20
C GLN A 23 32.13 2.06 20.55
N LYS A 24 31.23 1.23 20.04
CA LYS A 24 31.60 -0.09 19.50
C LYS A 24 31.94 -0.06 18.01
N ALA A 25 31.47 0.96 17.30
CA ALA A 25 31.61 1.01 15.85
C ALA A 25 31.97 2.41 15.35
N PRO A 26 33.09 2.97 15.85
CA PRO A 26 33.40 4.36 15.55
C PRO A 26 33.54 4.65 14.05
N VAL A 27 34.24 3.78 13.33
CA VAL A 27 34.46 4.00 11.92
C VAL A 27 33.16 3.88 11.12
N SER A 28 32.35 2.87 11.44
CA SER A 28 31.10 2.67 10.73
C SER A 28 30.12 3.80 11.00
N VAL A 29 30.07 4.25 12.25
CA VAL A 29 29.17 5.34 12.63
C VAL A 29 29.56 6.66 11.95
N GLN A 30 30.84 7.01 11.97
CA GLN A 30 31.31 8.21 11.29
C GLN A 30 30.98 8.19 9.81
N ASN A 31 31.31 7.06 9.17
CA ASN A 31 31.02 6.84 7.75
C ASN A 31 29.53 7.09 7.44
N PHE A 32 28.66 6.49 8.24
CA PHE A 32 27.22 6.59 8.04
C PHE A 32 26.72 8.03 8.21
N VAL A 33 27.15 8.70 9.27
CA VAL A 33 26.71 10.07 9.55
C VAL A 33 27.20 11.06 8.50
N ASP A 34 28.40 10.85 7.96
CA ASP A 34 28.91 11.66 6.86
C ASP A 34 28.03 11.52 5.62
N TYR A 35 27.55 10.31 5.35
CA TYR A 35 26.64 10.10 4.23
C TYR A 35 25.31 10.79 4.46
N VAL A 36 24.77 10.68 5.68
CA VAL A 36 23.48 11.32 5.97
C VAL A 36 23.60 12.84 5.95
N ASN A 37 24.64 13.37 6.59
CA ASN A 37 24.81 14.82 6.67
C ASN A 37 25.05 15.46 5.31
N SER A 38 25.59 14.68 4.37
CA SER A 38 25.86 15.19 3.02
C SER A 38 24.64 15.10 2.11
N GLY A 39 23.59 14.44 2.58
CA GLY A 39 22.39 14.31 1.77
C GLY A 39 22.44 13.11 0.84
N PHE A 40 23.47 12.28 0.99
CA PHE A 40 23.68 11.13 0.10
C PHE A 40 22.50 10.17 0.04
N TYR A 41 21.92 9.85 1.19
CA TYR A 41 20.86 8.85 1.23
C TYR A 41 19.51 9.36 0.74
N ASN A 42 19.35 10.68 0.64
CA ASN A 42 18.09 11.25 0.16
C ASN A 42 17.80 10.77 -1.28
N ASN A 43 16.63 10.17 -1.47
CA ASN A 43 16.24 9.62 -2.78
C ASN A 43 16.92 8.33 -3.20
N THR A 44 17.63 7.67 -2.29
CA THR A 44 18.01 6.29 -2.52
C THR A 44 16.86 5.40 -2.05
N THR A 45 16.97 4.10 -2.30
CA THR A 45 15.86 3.20 -2.03
C THR A 45 16.28 2.04 -1.14
N PHE A 46 15.30 1.26 -0.69
CA PHE A 46 15.57 -0.11 -0.23
C PHE A 46 15.41 -1.04 -1.44
N HIS A 47 16.52 -1.41 -2.06
CA HIS A 47 16.50 -2.07 -3.35
C HIS A 47 16.43 -3.58 -3.24
N ARG A 48 16.54 -4.11 -2.01
CA ARG A 48 16.51 -5.54 -1.81
C ARG A 48 15.81 -5.87 -0.49
N VAL A 49 14.64 -6.51 -0.59
CA VAL A 49 13.85 -6.81 0.59
C VAL A 49 13.44 -8.27 0.62
N ILE A 50 13.73 -8.93 1.72
CA ILE A 50 13.50 -10.35 1.86
C ILE A 50 12.77 -10.66 3.17
N PRO A 51 11.49 -11.02 3.08
CA PRO A 51 10.74 -11.31 4.31
C PRO A 51 11.38 -12.41 5.15
N GLY A 52 11.44 -12.16 6.46
CA GLY A 52 12.03 -13.13 7.36
C GLY A 52 13.53 -13.10 7.35
N PHE A 53 14.10 -12.08 6.70
CA PHE A 53 15.55 -11.97 6.61
C PHE A 53 16.03 -10.55 6.89
N MET A 54 15.93 -9.66 5.91
CA MET A 54 16.41 -8.28 6.04
C MET A 54 15.95 -7.38 4.89
N ILE A 55 16.11 -6.08 5.07
CA ILE A 55 15.90 -5.10 4.02
C ILE A 55 17.16 -4.26 3.87
N GLN A 56 17.59 -4.04 2.63
CA GLN A 56 18.88 -3.43 2.35
C GLN A 56 18.67 -2.20 1.49
N GLY A 57 19.43 -1.15 1.77
CA GLY A 57 19.29 0.10 1.03
C GLY A 57 20.54 0.96 1.07
N GLY A 58 20.42 2.20 0.60
CA GLY A 58 21.52 3.14 0.67
C GLY A 58 22.50 3.13 -0.51
N GLY A 59 22.06 2.65 -1.67
CA GLY A 59 22.97 2.56 -2.80
C GLY A 59 22.42 2.97 -4.17
N PHE A 60 21.12 2.80 -4.37
CA PHE A 60 20.52 2.98 -5.69
C PHE A 60 19.37 3.99 -5.69
N THR A 61 19.15 4.60 -6.85
CA THR A 61 18.00 5.48 -7.04
C THR A 61 16.77 4.65 -7.43
N GLU A 62 15.64 5.32 -7.58
CA GLU A 62 14.40 4.66 -8.03
C GLU A 62 14.61 3.92 -9.35
N GLN A 63 15.40 4.53 -10.24
CA GLN A 63 15.63 3.95 -11.55
C GLN A 63 16.74 2.92 -11.49
N MET A 64 17.05 2.48 -10.27
CA MET A 64 18.11 1.52 -10.02
C MET A 64 19.45 1.97 -10.62
N GLN A 65 19.68 3.28 -10.65
CA GLN A 65 21.02 3.81 -10.90
C GLN A 65 21.82 3.78 -9.59
N GLN A 66 23.08 3.38 -9.65
CA GLN A 66 23.90 3.34 -8.44
C GLN A 66 24.66 4.64 -8.20
N LYS A 67 24.53 5.19 -7.01
CA LYS A 67 25.25 6.41 -6.68
C LYS A 67 26.71 6.10 -6.39
N LYS A 68 27.59 7.03 -6.73
CA LYS A 68 29.03 6.84 -6.50
C LYS A 68 29.35 7.18 -5.05
N PRO A 69 29.78 6.17 -4.27
CA PRO A 69 30.06 6.36 -2.84
C PRO A 69 31.50 6.83 -2.58
N ASN A 70 31.80 7.07 -1.31
CA ASN A 70 33.15 7.39 -0.88
C ASN A 70 33.95 6.10 -0.76
N PRO A 71 35.26 6.20 -0.47
CA PRO A 71 36.09 4.99 -0.37
C PRO A 71 35.63 4.03 0.74
N PRO A 72 35.84 2.71 0.54
CA PRO A 72 35.39 1.69 1.50
C PRO A 72 36.07 1.77 2.87
N ILE A 73 35.41 1.21 3.88
CA ILE A 73 35.89 1.30 5.25
C ILE A 73 36.26 -0.07 5.81
N LYS A 74 37.04 -0.06 6.88
CA LYS A 74 37.42 -1.31 7.55
C LYS A 74 36.22 -1.93 8.25
N ASN A 75 36.18 -3.26 8.23
CA ASN A 75 35.11 -4.04 8.84
C ASN A 75 35.24 -4.07 10.36
N GLU A 76 34.18 -3.70 11.06
CA GLU A 76 34.20 -3.67 12.52
C GLU A 76 33.34 -4.78 13.12
N ALA A 77 33.11 -5.84 12.35
CA ALA A 77 32.29 -6.95 12.80
C ALA A 77 32.86 -7.67 14.04
N ASP A 78 34.13 -7.45 14.33
CA ASP A 78 34.72 -8.04 15.52
C ASP A 78 34.59 -7.13 16.74
N ASN A 79 33.48 -6.39 16.80
CA ASN A 79 33.23 -5.50 17.93
C ASN A 79 32.28 -6.13 18.96
N GLY A 80 31.88 -7.36 18.71
CA GLY A 80 31.03 -8.06 19.68
C GLY A 80 29.54 -7.89 19.50
N LEU A 81 29.13 -6.96 18.64
CA LEU A 81 27.70 -6.76 18.37
C LEU A 81 27.18 -7.83 17.42
N ARG A 82 25.95 -8.30 17.66
CA ARG A 82 25.38 -9.40 16.88
C ARG A 82 24.22 -8.96 15.97
N ASN A 83 24.01 -9.73 14.91
CA ASN A 83 22.98 -9.41 13.92
C ASN A 83 21.60 -9.92 14.33
N THR A 84 21.08 -9.41 15.43
CA THR A 84 19.76 -9.80 15.93
C THR A 84 18.68 -8.91 15.31
N ARG A 85 17.42 -9.32 15.42
CA ARG A 85 16.33 -8.52 14.89
C ARG A 85 16.38 -7.09 15.44
N GLY A 86 16.28 -6.11 14.55
CA GLY A 86 16.23 -4.72 14.96
C GLY A 86 17.57 -4.01 14.91
N THR A 87 18.62 -4.70 14.50
CA THR A 87 19.93 -4.07 14.36
C THR A 87 20.20 -3.65 12.93
N ILE A 88 21.06 -2.64 12.77
CA ILE A 88 21.50 -2.19 11.46
C ILE A 88 22.99 -2.50 11.27
N ALA A 89 23.34 -3.01 10.08
CA ALA A 89 24.69 -3.44 9.77
C ALA A 89 25.10 -3.03 8.35
N MET A 90 26.39 -3.11 8.06
CA MET A 90 26.91 -2.69 6.76
C MET A 90 26.96 -3.85 5.76
N ALA A 91 26.35 -3.62 4.60
CA ALA A 91 26.48 -4.58 3.50
C ALA A 91 27.88 -4.42 2.88
N ARG A 92 28.36 -5.47 2.22
CA ARG A 92 29.67 -5.41 1.61
C ARG A 92 29.77 -6.49 0.57
N THR A 93 30.90 -6.54 -0.12
CA THR A 93 31.17 -7.62 -1.06
C THR A 93 32.10 -8.67 -0.45
N ALA A 94 32.78 -9.42 -1.31
CA ALA A 94 33.54 -10.57 -0.87
C ALA A 94 34.63 -10.21 0.16
N ASP A 95 35.38 -9.14 -0.11
CA ASP A 95 36.43 -8.75 0.82
C ASP A 95 35.81 -8.09 2.04
N LYS A 96 36.38 -8.36 3.20
CA LYS A 96 35.79 -7.91 4.46
C LYS A 96 35.81 -6.41 4.61
N ASP A 97 36.78 -5.76 3.95
CA ASP A 97 36.93 -4.30 4.07
C ASP A 97 36.40 -3.56 2.84
N SER A 98 35.23 -3.98 2.36
CA SER A 98 34.68 -3.46 1.12
C SER A 98 33.42 -2.60 1.30
N ALA A 99 32.97 -2.42 2.54
CA ALA A 99 31.72 -1.67 2.77
C ALA A 99 31.88 -0.21 2.39
N THR A 100 30.85 0.33 1.74
CA THR A 100 30.80 1.76 1.46
C THR A 100 29.53 2.41 2.05
N SER A 101 28.45 2.51 1.28
CA SER A 101 27.27 3.24 1.74
C SER A 101 26.06 2.36 2.10
N GLN A 102 26.06 1.12 1.61
CA GLN A 102 24.87 0.28 1.73
C GLN A 102 24.79 -0.44 3.08
N PHE A 103 23.58 -0.45 3.63
CA PHE A 103 23.35 -0.97 4.97
C PHE A 103 22.12 -1.88 4.91
N PHE A 104 21.92 -2.70 5.93
CA PHE A 104 20.70 -3.48 6.01
C PHE A 104 20.18 -3.57 7.44
N ILE A 105 18.86 -3.69 7.55
CA ILE A 105 18.19 -3.84 8.83
C ILE A 105 17.72 -5.29 8.95
N ASN A 106 18.20 -5.97 10.00
CA ASN A 106 17.80 -7.34 10.29
C ASN A 106 16.37 -7.38 10.83
N VAL A 107 15.49 -8.12 10.15
CA VAL A 107 14.11 -8.24 10.61
C VAL A 107 13.89 -9.58 11.30
N ALA A 108 14.97 -10.36 11.39
CA ALA A 108 14.99 -11.59 12.16
C ALA A 108 16.37 -11.71 12.79
N ASP A 109 16.54 -12.67 13.69
CA ASP A 109 17.86 -12.97 14.25
C ASP A 109 18.68 -13.75 13.24
N ASN A 110 19.74 -13.13 12.74
CA ASN A 110 20.51 -13.72 11.64
C ASN A 110 21.94 -14.01 12.05
N ALA A 111 22.09 -15.04 12.88
CA ALA A 111 23.37 -15.32 13.52
C ALA A 111 24.42 -15.82 12.52
N PHE A 112 23.98 -16.27 11.36
CA PHE A 112 24.88 -16.72 10.32
C PHE A 112 25.61 -15.54 9.67
N LEU A 113 25.19 -14.33 10.02
CA LEU A 113 25.86 -13.11 9.54
C LEU A 113 26.93 -12.62 10.52
N ASP A 114 26.96 -13.19 11.73
CA ASP A 114 27.86 -12.73 12.78
C ASP A 114 29.31 -13.16 12.57
N HIS A 115 30.23 -12.30 13.00
CA HIS A 115 31.65 -12.61 13.05
C HIS A 115 31.86 -13.96 13.74
N GLY A 116 32.71 -14.81 13.16
CA GLY A 116 32.90 -16.14 13.72
C GLY A 116 34.14 -16.85 13.22
N GLN A 117 34.22 -18.15 13.49
CA GLN A 117 35.38 -18.93 13.08
C GLN A 117 35.35 -19.26 11.59
N ARG A 118 34.18 -19.15 10.97
CA ARG A 118 34.05 -19.48 9.56
C ARG A 118 34.06 -18.28 8.61
N ASP A 119 33.63 -17.12 9.09
CA ASP A 119 33.69 -15.91 8.27
C ASP A 119 33.76 -14.67 9.13
N PHE A 120 34.34 -13.60 8.58
CA PHE A 120 34.50 -12.38 9.35
C PHE A 120 33.15 -11.74 9.66
N GLY A 121 32.17 -11.96 8.81
CA GLY A 121 30.83 -11.51 9.10
C GLY A 121 30.56 -10.06 8.72
N TYR A 122 29.44 -9.55 9.18
CA TYR A 122 28.95 -8.23 8.79
C TYR A 122 28.88 -7.33 10.01
N ALA A 123 29.35 -6.09 9.87
CA ALA A 123 29.53 -5.18 10.99
C ALA A 123 28.22 -4.53 11.44
N VAL A 124 27.81 -4.81 12.67
CA VAL A 124 26.65 -4.15 13.26
C VAL A 124 27.10 -2.83 13.89
N PHE A 125 26.31 -1.78 13.72
CA PHE A 125 26.74 -0.47 14.21
C PHE A 125 25.62 0.37 14.81
N GLY A 126 24.46 -0.25 15.05
CA GLY A 126 23.34 0.46 15.63
C GLY A 126 22.11 -0.40 15.77
N LYS A 127 21.01 0.20 16.22
CA LYS A 127 19.75 -0.52 16.36
C LYS A 127 18.58 0.40 16.04
N VAL A 128 17.47 -0.21 15.59
CA VAL A 128 16.23 0.52 15.38
C VAL A 128 15.55 0.78 16.73
N VAL A 129 15.31 2.05 17.02
CA VAL A 129 14.73 2.46 18.29
C VAL A 129 13.24 2.75 18.13
N LYS A 130 12.83 3.08 16.91
CA LYS A 130 11.41 3.26 16.60
C LYS A 130 11.14 2.91 15.14
N GLY A 131 10.03 2.21 14.91
CA GLY A 131 9.63 1.91 13.53
C GLY A 131 9.94 0.51 13.03
N MET A 132 10.08 -0.47 13.92
CA MET A 132 10.31 -1.83 13.46
C MET A 132 9.12 -2.35 12.67
N ASP A 133 7.93 -1.85 13.00
CA ASP A 133 6.72 -2.21 12.27
C ASP A 133 6.85 -1.77 10.81
N VAL A 134 7.48 -0.60 10.60
CA VAL A 134 7.72 -0.09 9.25
C VAL A 134 8.71 -0.99 8.51
N ALA A 135 9.77 -1.40 9.22
CA ALA A 135 10.79 -2.27 8.64
C ALA A 135 10.16 -3.59 8.23
N ASP A 136 9.25 -4.08 9.06
CA ASP A 136 8.51 -5.29 8.76
C ASP A 136 7.67 -5.12 7.50
N LYS A 137 6.96 -4.00 7.43
CA LYS A 137 6.10 -3.68 6.31
C LYS A 137 6.91 -3.65 5.02
N ILE A 138 8.04 -2.97 5.05
CA ILE A 138 8.88 -2.83 3.86
C ILE A 138 9.35 -4.20 3.35
N SER A 139 9.66 -5.12 4.27
CA SER A 139 10.18 -6.43 3.90
C SER A 139 9.16 -7.28 3.15
N GLN A 140 7.89 -6.88 3.22
CA GLN A 140 6.79 -7.71 2.73
C GLN A 140 6.17 -7.20 1.43
N VAL A 141 6.69 -6.10 0.89
CA VAL A 141 6.14 -5.54 -0.35
C VAL A 141 6.45 -6.46 -1.53
N PRO A 142 5.55 -6.50 -2.52
CA PRO A 142 5.81 -7.24 -3.77
C PRO A 142 7.12 -6.80 -4.43
N THR A 143 7.86 -7.77 -4.95
CA THR A 143 9.14 -7.49 -5.58
C THR A 143 9.21 -8.14 -6.95
N HIS A 144 10.25 -7.82 -7.70
CA HIS A 144 10.53 -8.48 -8.96
C HIS A 144 11.99 -8.29 -9.30
N ASP A 145 12.44 -8.87 -10.42
CA ASP A 145 13.83 -8.77 -10.83
C ASP A 145 14.05 -7.53 -11.70
N VAL A 146 15.16 -6.84 -11.45
CA VAL A 146 15.59 -5.74 -12.32
C VAL A 146 17.08 -5.88 -12.60
N GLY A 147 17.44 -5.94 -13.87
CA GLY A 147 18.84 -6.18 -14.22
C GLY A 147 19.36 -7.41 -13.51
N PRO A 148 20.53 -7.32 -12.85
CA PRO A 148 21.14 -8.43 -12.13
C PRO A 148 20.65 -8.59 -10.69
N TYR A 149 19.65 -7.79 -10.32
CA TYR A 149 19.16 -7.78 -8.94
C TYR A 149 17.84 -8.50 -8.80
N GLN A 150 17.69 -9.25 -7.72
CA GLN A 150 16.40 -9.83 -7.39
C GLN A 150 15.88 -9.21 -6.10
N ASN A 151 14.59 -9.37 -5.87
CA ASN A 151 13.94 -8.90 -4.66
C ASN A 151 13.91 -7.39 -4.60
N VAL A 152 13.71 -6.77 -5.77
CA VAL A 152 13.55 -5.32 -5.87
C VAL A 152 12.07 -4.96 -5.79
N PRO A 153 11.68 -4.10 -4.82
CA PRO A 153 10.28 -3.66 -4.74
C PRO A 153 9.72 -3.19 -6.08
N SER A 154 8.55 -3.70 -6.43
CA SER A 154 7.89 -3.32 -7.67
C SER A 154 7.51 -1.84 -7.64
N LYS A 155 7.04 -1.37 -6.48
CA LYS A 155 6.89 0.05 -6.24
C LYS A 155 8.01 0.48 -5.30
N PRO A 156 8.96 1.28 -5.81
CA PRO A 156 10.14 1.64 -5.02
C PRO A 156 9.80 2.20 -3.63
N VAL A 157 10.54 1.73 -2.63
CA VAL A 157 10.47 2.28 -1.28
C VAL A 157 11.61 3.27 -1.13
N VAL A 158 11.27 4.55 -1.16
CA VAL A 158 12.27 5.62 -1.22
C VAL A 158 12.57 6.19 0.15
N ILE A 159 13.85 6.45 0.40
CA ILE A 159 14.26 7.25 1.55
C ILE A 159 14.17 8.71 1.11
N LEU A 160 13.10 9.39 1.50
CA LEU A 160 12.86 10.76 1.08
C LEU A 160 13.76 11.74 1.82
N SER A 161 14.05 11.46 3.08
CA SER A 161 15.10 12.20 3.79
C SER A 161 15.74 11.37 4.91
N ALA A 162 16.99 11.68 5.20
CA ALA A 162 17.68 11.12 6.35
C ALA A 162 18.34 12.27 7.09
N THR A 163 18.12 12.36 8.39
CA THR A 163 18.66 13.48 9.16
C THR A 163 19.11 13.07 10.55
N VAL A 164 20.24 13.61 10.99
CA VAL A 164 20.68 13.41 12.37
C VAL A 164 19.81 14.26 13.29
N LEU A 165 19.24 13.64 14.31
CA LEU A 165 18.35 14.34 15.23
C LEU A 165 19.17 15.13 16.26
N PRO A 166 18.58 16.21 16.80
CA PRO A 166 19.28 16.91 17.89
C PRO A 166 19.24 16.11 19.19
N ALA B 1 -12.88 -1.06 -17.22
CA ALA B 1 -14.07 -1.84 -17.68
C ALA B 1 -13.89 -2.32 -19.12
N LYS B 2 -14.93 -2.16 -19.93
CA LYS B 2 -14.89 -2.63 -21.31
C LYS B 2 -14.66 -4.13 -21.29
N GLY B 3 -15.06 -4.76 -20.20
CA GLY B 3 -14.69 -6.13 -19.95
C GLY B 3 -15.59 -7.15 -20.59
N ASP B 4 -16.89 -6.86 -20.67
CA ASP B 4 -17.86 -7.72 -21.35
C ASP B 4 -19.31 -7.48 -20.94
N PRO B 5 -19.72 -7.94 -19.74
CA PRO B 5 -21.14 -7.82 -19.40
C PRO B 5 -21.61 -6.38 -19.25
N HIS B 6 -22.85 -6.13 -19.65
CA HIS B 6 -23.48 -4.83 -19.43
C HIS B 6 -24.64 -4.99 -18.45
N VAL B 7 -24.75 -4.06 -17.51
CA VAL B 7 -25.79 -4.10 -16.50
C VAL B 7 -26.53 -2.77 -16.50
N LEU B 8 -27.85 -2.85 -16.46
CA LEU B 8 -28.68 -1.67 -16.39
C LEU B 8 -29.21 -1.50 -14.97
N LEU B 9 -28.87 -0.38 -14.34
CA LEU B 9 -29.48 0.02 -13.08
C LEU B 9 -30.57 1.05 -13.34
N THR B 10 -31.81 0.68 -13.07
CA THR B 10 -32.93 1.61 -13.17
C THR B 10 -33.22 2.17 -11.78
N THR B 11 -32.88 3.44 -11.58
CA THR B 11 -33.07 4.06 -10.27
C THR B 11 -34.21 5.08 -10.31
N SER B 12 -34.68 5.50 -9.14
CA SER B 12 -35.71 6.51 -9.03
C SER B 12 -35.25 7.87 -9.59
N ALA B 13 -33.96 7.99 -9.89
CA ALA B 13 -33.40 9.22 -10.45
C ALA B 13 -33.05 9.09 -11.93
N GLY B 14 -33.22 7.91 -12.49
CA GLY B 14 -32.84 7.68 -13.87
C GLY B 14 -32.02 6.42 -14.07
N ASN B 15 -31.59 6.19 -15.31
CA ASN B 15 -30.98 4.91 -15.68
C ASN B 15 -29.46 5.04 -15.80
N ILE B 16 -28.77 4.05 -15.27
CA ILE B 16 -27.30 3.99 -15.34
C ILE B 16 -26.91 2.66 -15.96
N GLU B 17 -26.13 2.70 -17.03
CA GLU B 17 -25.65 1.46 -17.66
C GLU B 17 -24.16 1.28 -17.40
N LEU B 18 -23.79 0.09 -16.95
CA LEU B 18 -22.40 -0.24 -16.59
C LEU B 18 -21.82 -1.21 -17.61
N GLU B 19 -20.53 -1.05 -17.89
CA GLU B 19 -19.77 -2.09 -18.56
C GLU B 19 -18.73 -2.65 -17.59
N LEU B 20 -18.81 -3.95 -17.33
CA LEU B 20 -17.93 -4.60 -16.36
C LEU B 20 -16.71 -5.24 -17.03
N ASP B 21 -15.55 -5.08 -16.40
CA ASP B 21 -14.28 -5.55 -16.93
C ASP B 21 -13.95 -6.96 -16.44
N LYS B 22 -14.44 -7.95 -17.17
CA LYS B 22 -14.31 -9.34 -16.76
C LYS B 22 -12.85 -9.81 -16.85
N GLN B 23 -12.08 -9.14 -17.70
CA GLN B 23 -10.68 -9.50 -17.89
C GLN B 23 -9.80 -9.08 -16.71
N LYS B 24 -9.99 -7.86 -16.22
CA LYS B 24 -9.17 -7.32 -15.15
C LYS B 24 -9.69 -7.68 -13.75
N ALA B 25 -10.99 -7.93 -13.66
CA ALA B 25 -11.60 -8.13 -12.35
C ALA B 25 -12.59 -9.28 -12.37
N PRO B 26 -12.10 -10.50 -12.66
CA PRO B 26 -12.97 -11.65 -12.87
C PRO B 26 -13.80 -12.02 -11.64
N VAL B 27 -13.19 -11.90 -10.46
CA VAL B 27 -13.85 -12.27 -9.22
C VAL B 27 -14.95 -11.26 -8.84
N SER B 28 -14.62 -9.98 -8.98
CA SER B 28 -15.56 -8.90 -8.68
C SER B 28 -16.74 -8.88 -9.65
N VAL B 29 -16.47 -9.08 -10.93
CA VAL B 29 -17.52 -9.10 -11.94
C VAL B 29 -18.49 -10.26 -11.70
N GLN B 30 -17.96 -11.46 -11.46
CA GLN B 30 -18.82 -12.62 -11.21
C GLN B 30 -19.66 -12.42 -9.95
N ASN B 31 -19.07 -11.88 -8.90
CA ASN B 31 -19.77 -11.58 -7.65
C ASN B 31 -20.92 -10.61 -7.89
N PHE B 32 -20.64 -9.51 -8.58
CA PHE B 32 -21.62 -8.48 -8.87
C PHE B 32 -22.77 -9.05 -9.71
N VAL B 33 -22.42 -9.77 -10.77
CA VAL B 33 -23.41 -10.32 -11.69
C VAL B 33 -24.34 -11.33 -11.01
N ASP B 34 -23.79 -12.08 -10.04
CA ASP B 34 -24.60 -13.03 -9.30
C ASP B 34 -25.66 -12.33 -8.44
N TYR B 35 -25.29 -11.22 -7.83
CA TYR B 35 -26.24 -10.42 -7.06
C TYR B 35 -27.32 -9.84 -7.96
N VAL B 36 -26.91 -9.32 -9.11
CA VAL B 36 -27.84 -8.78 -10.09
C VAL B 36 -28.84 -9.85 -10.52
N ASN B 37 -28.32 -11.03 -10.85
CA ASN B 37 -29.15 -12.09 -11.41
C ASN B 37 -30.14 -12.66 -10.41
N SER B 38 -29.79 -12.61 -9.13
CA SER B 38 -30.65 -13.17 -8.11
C SER B 38 -31.70 -12.19 -7.62
N GLY B 39 -31.65 -10.95 -8.12
CA GLY B 39 -32.58 -9.92 -7.68
C GLY B 39 -32.22 -9.22 -6.37
N PHE B 40 -31.02 -9.47 -5.87
CA PHE B 40 -30.58 -8.92 -4.59
C PHE B 40 -30.63 -7.38 -4.57
N TYR B 41 -30.24 -6.74 -5.66
CA TYR B 41 -30.11 -5.28 -5.68
C TYR B 41 -31.43 -4.55 -5.86
N ASN B 42 -32.47 -5.26 -6.31
CA ASN B 42 -33.78 -4.65 -6.46
C ASN B 42 -34.29 -4.13 -5.13
N ASN B 43 -34.72 -2.88 -5.11
CA ASN B 43 -35.21 -2.21 -3.92
C ASN B 43 -34.18 -2.01 -2.80
N THR B 44 -32.90 -1.96 -3.18
CA THR B 44 -31.88 -1.41 -2.30
C THR B 44 -31.66 0.04 -2.70
N THR B 45 -30.96 0.80 -1.87
CA THR B 45 -30.84 2.24 -2.08
C THR B 45 -29.38 2.62 -2.25
N PHE B 46 -29.14 3.84 -2.71
CA PHE B 46 -27.85 4.49 -2.47
C PHE B 46 -27.95 5.17 -1.11
N HIS B 47 -27.35 4.55 -0.09
CA HIS B 47 -27.55 4.98 1.28
C HIS B 47 -26.49 5.98 1.75
N ARG B 48 -25.46 6.17 0.95
CA ARG B 48 -24.43 7.14 1.29
C ARG B 48 -23.96 7.88 0.06
N VAL B 49 -24.18 9.18 0.04
CA VAL B 49 -23.80 9.99 -1.11
C VAL B 49 -23.08 11.25 -0.66
N ILE B 50 -21.95 11.53 -1.30
CA ILE B 50 -21.13 12.69 -0.96
C ILE B 50 -20.73 13.43 -2.23
N PRO B 51 -21.14 14.70 -2.36
CA PRO B 51 -20.90 15.48 -3.58
C PRO B 51 -19.41 15.60 -3.86
N GLY B 52 -19.04 15.53 -5.13
CA GLY B 52 -17.64 15.62 -5.50
C GLY B 52 -16.81 14.38 -5.17
N PHE B 53 -17.46 13.33 -4.69
CA PHE B 53 -16.73 12.16 -4.18
C PHE B 53 -17.27 10.87 -4.79
N MET B 54 -18.35 10.34 -4.22
CA MET B 54 -18.94 9.11 -4.73
C MET B 54 -20.37 8.88 -4.23
N ILE B 55 -21.05 7.92 -4.84
CA ILE B 55 -22.34 7.47 -4.34
C ILE B 55 -22.27 5.97 -4.11
N GLN B 56 -22.73 5.54 -2.93
CA GLN B 56 -22.55 4.16 -2.49
C GLN B 56 -23.92 3.50 -2.27
N GLY B 57 -24.02 2.23 -2.68
CA GLY B 57 -25.29 1.52 -2.57
C GLY B 57 -25.14 0.01 -2.52
N GLY B 58 -26.26 -0.70 -2.60
CA GLY B 58 -26.23 -2.15 -2.73
C GLY B 58 -26.18 -2.89 -1.41
N GLY B 59 -26.61 -2.22 -0.33
CA GLY B 59 -26.56 -2.84 0.98
C GLY B 59 -27.85 -2.80 1.78
N PHE B 60 -28.65 -1.76 1.59
CA PHE B 60 -29.77 -1.50 2.50
C PHE B 60 -31.09 -1.31 1.76
N THR B 61 -32.18 -1.67 2.41
CA THR B 61 -33.52 -1.36 1.89
C THR B 61 -33.92 0.07 2.20
N GLU B 62 -35.11 0.45 1.76
CA GLU B 62 -35.62 1.81 1.99
C GLU B 62 -35.88 2.08 3.47
N GLN B 63 -36.01 1.02 4.26
CA GLN B 63 -36.21 1.17 5.70
C GLN B 63 -34.88 1.08 6.45
N MET B 64 -33.78 1.17 5.72
CA MET B 64 -32.43 1.00 6.28
C MET B 64 -32.26 -0.36 6.94
N GLN B 65 -32.90 -1.37 6.38
CA GLN B 65 -32.63 -2.75 6.75
C GLN B 65 -31.48 -3.28 5.92
N GLN B 66 -30.47 -3.82 6.60
CA GLN B 66 -29.30 -4.38 5.93
C GLN B 66 -29.66 -5.75 5.35
N LYS B 67 -29.39 -5.94 4.06
CA LYS B 67 -29.59 -7.24 3.43
C LYS B 67 -28.46 -8.21 3.77
N LYS B 68 -28.80 -9.50 3.81
CA LYS B 68 -27.85 -10.54 4.16
C LYS B 68 -27.09 -10.99 2.92
N PRO B 69 -25.79 -10.71 2.86
CA PRO B 69 -24.99 -10.98 1.66
C PRO B 69 -24.42 -12.41 1.59
N ASN B 70 -23.79 -12.72 0.47
CA ASN B 70 -23.06 -13.97 0.30
C ASN B 70 -21.67 -13.82 0.95
N PRO B 71 -20.86 -14.90 0.92
CA PRO B 71 -19.49 -14.79 1.42
C PRO B 71 -18.68 -13.68 0.75
N PRO B 72 -17.73 -13.07 1.48
CA PRO B 72 -16.90 -11.98 0.95
C PRO B 72 -15.91 -12.43 -0.12
N ILE B 73 -15.41 -11.48 -0.90
CA ILE B 73 -14.50 -11.81 -2.01
C ILE B 73 -13.10 -11.23 -1.84
N LYS B 74 -12.13 -11.81 -2.54
CA LYS B 74 -10.77 -11.31 -2.51
C LYS B 74 -10.70 -9.95 -3.19
N ASN B 75 -9.83 -9.08 -2.67
CA ASN B 75 -9.67 -7.72 -3.17
C ASN B 75 -8.79 -7.69 -4.43
N GLU B 76 -9.35 -7.20 -5.53
CA GLU B 76 -8.62 -7.15 -6.81
C GLU B 76 -8.09 -5.76 -7.14
N ALA B 77 -7.73 -5.00 -6.11
CA ALA B 77 -7.29 -3.61 -6.30
C ALA B 77 -5.93 -3.50 -6.99
N ASP B 78 -5.15 -4.57 -6.96
CA ASP B 78 -3.84 -4.56 -7.63
C ASP B 78 -3.95 -4.96 -9.10
N ASN B 79 -5.12 -4.75 -9.70
CA ASN B 79 -5.34 -5.07 -11.09
C ASN B 79 -4.98 -3.92 -12.04
N GLY B 80 -4.55 -2.79 -11.48
CA GLY B 80 -4.12 -1.69 -12.31
C GLY B 80 -5.19 -0.70 -12.72
N LEU B 81 -6.44 -0.97 -12.35
CA LEU B 81 -7.52 -0.03 -12.62
C LEU B 81 -7.62 1.02 -11.51
N ARG B 82 -7.75 2.28 -11.90
CA ARG B 82 -7.81 3.37 -10.94
C ARG B 82 -9.24 3.89 -10.71
N ASN B 83 -9.44 4.50 -9.56
CA ASN B 83 -10.72 5.07 -9.18
C ASN B 83 -10.86 6.48 -9.77
N THR B 84 -10.98 6.55 -11.09
CA THR B 84 -11.22 7.81 -11.75
C THR B 84 -12.74 8.02 -11.92
N ARG B 85 -13.14 9.25 -12.22
CA ARG B 85 -14.54 9.56 -12.46
C ARG B 85 -15.19 8.56 -13.42
N GLY B 86 -16.32 8.00 -13.00
CA GLY B 86 -17.07 7.13 -13.88
C GLY B 86 -16.84 5.65 -13.66
N THR B 87 -15.92 5.32 -12.77
CA THR B 87 -15.64 3.91 -12.47
C THR B 87 -16.54 3.40 -11.35
N ILE B 88 -16.79 2.09 -11.35
CA ILE B 88 -17.47 1.44 -10.24
C ILE B 88 -16.50 0.54 -9.48
N ALA B 89 -16.55 0.61 -8.15
CA ALA B 89 -15.62 -0.11 -7.29
C ALA B 89 -16.34 -0.77 -6.10
N MET B 90 -15.67 -1.69 -5.42
CA MET B 90 -16.26 -2.37 -4.28
C MET B 90 -15.95 -1.68 -2.95
N ALA B 91 -17.02 -1.40 -2.20
CA ALA B 91 -16.87 -0.96 -0.81
C ALA B 91 -16.52 -2.18 0.04
N ARG B 92 -15.96 -1.91 1.21
CA ARG B 92 -15.55 -2.97 2.12
C ARG B 92 -15.25 -2.30 3.45
N THR B 93 -14.98 -3.11 4.46
CA THR B 93 -14.55 -2.57 5.74
C THR B 93 -13.02 -2.59 5.84
N ALA B 94 -12.49 -2.42 7.04
CA ALA B 94 -11.06 -2.27 7.25
C ALA B 94 -10.25 -3.38 6.59
N ASP B 95 -10.69 -4.63 6.71
CA ASP B 95 -9.95 -5.73 6.12
C ASP B 95 -10.09 -5.72 4.61
N LYS B 96 -8.97 -5.92 3.91
CA LYS B 96 -8.96 -5.79 2.46
C LYS B 96 -9.81 -6.83 1.76
N ASP B 97 -9.98 -8.01 2.36
CA ASP B 97 -10.77 -9.05 1.72
C ASP B 97 -12.16 -9.17 2.36
N SER B 98 -12.83 -8.04 2.55
CA SER B 98 -14.13 -8.04 3.22
C SER B 98 -15.31 -7.58 2.37
N ALA B 99 -15.07 -7.28 1.09
CA ALA B 99 -16.16 -6.81 0.22
C ALA B 99 -17.21 -7.90 0.03
N THR B 100 -18.48 -7.51 0.09
CA THR B 100 -19.56 -8.42 -0.27
C THR B 100 -20.41 -7.83 -1.39
N SER B 101 -21.45 -7.08 -1.05
CA SER B 101 -22.38 -6.60 -2.07
C SER B 101 -22.36 -5.10 -2.33
N GLN B 102 -21.78 -4.32 -1.42
CA GLN B 102 -21.82 -2.87 -1.55
C GLN B 102 -20.79 -2.32 -2.53
N PHE B 103 -21.24 -1.39 -3.38
CA PHE B 103 -20.37 -0.80 -4.38
C PHE B 103 -20.52 0.71 -4.34
N PHE B 104 -19.57 1.40 -4.95
CA PHE B 104 -19.71 2.85 -5.15
C PHE B 104 -19.25 3.28 -6.54
N ILE B 105 -19.89 4.33 -7.04
CA ILE B 105 -19.50 4.93 -8.31
C ILE B 105 -18.79 6.25 -8.03
N ASN B 106 -17.55 6.35 -8.49
CA ASN B 106 -16.76 7.58 -8.35
C ASN B 106 -17.30 8.70 -9.26
N VAL B 107 -17.57 9.87 -8.67
CA VAL B 107 -17.99 11.00 -9.49
C VAL B 107 -16.86 12.02 -9.63
N ALA B 108 -15.66 11.60 -9.24
CA ALA B 108 -14.46 12.41 -9.42
C ALA B 108 -13.26 11.48 -9.41
N ASP B 109 -12.09 11.98 -9.81
CA ASP B 109 -10.87 11.19 -9.71
C ASP B 109 -10.45 11.08 -8.25
N ASN B 110 -10.60 9.89 -7.68
CA ASN B 110 -10.34 9.69 -6.25
C ASN B 110 -9.11 8.81 -6.04
N ALA B 111 -7.93 9.37 -6.30
CA ALA B 111 -6.70 8.60 -6.30
C ALA B 111 -6.29 8.16 -4.91
N PHE B 112 -6.80 8.85 -3.89
CA PHE B 112 -6.56 8.45 -2.51
C PHE B 112 -7.18 7.07 -2.20
N LEU B 113 -7.97 6.54 -3.13
CA LEU B 113 -8.59 5.23 -2.96
C LEU B 113 -7.84 4.14 -3.71
N ASP B 114 -6.86 4.53 -4.52
CA ASP B 114 -6.14 3.59 -5.36
C ASP B 114 -5.11 2.77 -4.59
N HIS B 115 -4.94 1.53 -5.03
CA HIS B 115 -3.93 0.62 -4.49
C HIS B 115 -2.54 1.27 -4.46
N GLY B 116 -1.91 1.29 -3.29
CA GLY B 116 -0.56 1.82 -3.19
C GLY B 116 0.25 1.15 -2.10
N GLN B 117 1.35 1.78 -1.71
CA GLN B 117 2.19 1.24 -0.65
C GLN B 117 1.61 1.57 0.73
N ARG B 118 0.82 2.63 0.80
CA ARG B 118 0.23 3.06 2.06
C ARG B 118 -1.02 2.24 2.41
N ASP B 119 -1.70 1.71 1.41
CA ASP B 119 -2.94 1.01 1.66
C ASP B 119 -3.38 0.24 0.42
N PHE B 120 -3.99 -0.91 0.62
CA PHE B 120 -4.30 -1.80 -0.49
C PHE B 120 -5.34 -1.20 -1.43
N GLY B 121 -6.18 -0.31 -0.90
CA GLY B 121 -7.10 0.42 -1.74
C GLY B 121 -8.39 -0.33 -2.07
N TYR B 122 -9.12 0.18 -3.07
CA TYR B 122 -10.44 -0.33 -3.41
C TYR B 122 -10.51 -0.80 -4.87
N ALA B 123 -11.08 -1.99 -5.07
CA ALA B 123 -11.05 -2.67 -6.37
C ALA B 123 -12.05 -2.10 -7.35
N VAL B 124 -11.53 -1.62 -8.48
CA VAL B 124 -12.36 -1.12 -9.57
C VAL B 124 -12.65 -2.29 -10.50
N PHE B 125 -13.89 -2.45 -10.92
CA PHE B 125 -14.25 -3.59 -11.77
C PHE B 125 -15.15 -3.23 -12.96
N GLY B 126 -15.29 -1.94 -13.24
CA GLY B 126 -16.06 -1.54 -14.40
C GLY B 126 -16.20 -0.04 -14.52
N LYS B 127 -17.07 0.39 -15.44
CA LYS B 127 -17.30 1.82 -15.66
C LYS B 127 -18.72 2.11 -16.15
N VAL B 128 -19.17 3.33 -15.90
CA VAL B 128 -20.46 3.83 -16.39
C VAL B 128 -20.34 4.21 -17.86
N VAL B 129 -21.10 3.56 -18.73
CA VAL B 129 -21.06 3.90 -20.15
C VAL B 129 -22.26 4.74 -20.57
N LYS B 130 -23.27 4.81 -19.71
CA LYS B 130 -24.39 5.71 -19.94
C LYS B 130 -25.04 6.13 -18.62
N GLY B 131 -25.34 7.42 -18.50
CA GLY B 131 -26.02 7.90 -17.31
C GLY B 131 -25.14 8.51 -16.22
N MET B 132 -23.96 9.02 -16.59
CA MET B 132 -23.14 9.72 -15.60
C MET B 132 -23.86 10.95 -15.08
N ASP B 133 -24.73 11.52 -15.92
CA ASP B 133 -25.49 12.68 -15.48
C ASP B 133 -26.42 12.29 -14.35
N VAL B 134 -26.89 11.05 -14.38
CA VAL B 134 -27.72 10.53 -13.30
C VAL B 134 -26.93 10.32 -11.99
N ALA B 135 -25.73 9.76 -12.10
CA ALA B 135 -24.86 9.59 -10.94
C ALA B 135 -24.50 10.94 -10.29
N ASP B 136 -24.25 11.95 -11.13
CA ASP B 136 -23.97 13.29 -10.63
C ASP B 136 -25.16 13.86 -9.85
N LYS B 137 -26.36 13.71 -10.40
CA LYS B 137 -27.56 14.21 -9.72
C LYS B 137 -27.78 13.51 -8.38
N ILE B 138 -27.62 12.19 -8.37
CA ILE B 138 -27.76 11.44 -7.13
C ILE B 138 -26.77 11.95 -6.08
N SER B 139 -25.57 12.30 -6.51
CA SER B 139 -24.53 12.74 -5.58
C SER B 139 -24.88 14.07 -4.92
N GLN B 140 -25.84 14.78 -5.51
CA GLN B 140 -26.13 16.15 -5.09
C GLN B 140 -27.45 16.31 -4.33
N VAL B 141 -28.16 15.22 -4.06
CA VAL B 141 -29.41 15.33 -3.31
C VAL B 141 -29.13 15.64 -1.82
N PRO B 142 -30.06 16.35 -1.17
CA PRO B 142 -29.92 16.68 0.25
C PRO B 142 -29.76 15.42 1.10
N THR B 143 -28.86 15.48 2.07
CA THR B 143 -28.65 14.35 2.99
C THR B 143 -28.66 14.84 4.43
N HIS B 144 -28.67 13.91 5.36
CA HIS B 144 -28.37 14.23 6.74
C HIS B 144 -27.97 12.98 7.50
N ASP B 145 -27.43 13.16 8.71
CA ASP B 145 -27.00 12.04 9.51
C ASP B 145 -28.21 11.37 10.16
N VAL B 146 -28.24 10.05 10.09
CA VAL B 146 -29.26 9.25 10.75
C VAL B 146 -28.60 8.22 11.64
N GLY B 147 -28.80 8.37 12.95
CA GLY B 147 -28.14 7.49 13.90
C GLY B 147 -26.66 7.35 13.57
N PRO B 148 -26.18 6.12 13.34
CA PRO B 148 -24.77 5.88 13.03
C PRO B 148 -24.44 6.17 11.56
N TYR B 149 -25.47 6.47 10.79
CA TYR B 149 -25.30 6.59 9.34
C TYR B 149 -25.18 8.05 8.90
N GLN B 150 -24.07 8.37 8.25
CA GLN B 150 -23.84 9.72 7.78
C GLN B 150 -24.16 9.84 6.29
N ASN B 151 -24.62 11.02 5.88
CA ASN B 151 -24.73 11.32 4.46
C ASN B 151 -25.81 10.48 3.78
N VAL B 152 -26.91 10.23 4.50
CA VAL B 152 -28.03 9.48 3.96
C VAL B 152 -29.04 10.41 3.28
N PRO B 153 -29.39 10.14 2.01
CA PRO B 153 -30.40 10.98 1.35
C PRO B 153 -31.70 11.12 2.13
N SER B 154 -32.18 12.36 2.25
CA SER B 154 -33.41 12.66 2.98
C SER B 154 -34.61 12.00 2.32
N LYS B 155 -34.59 11.99 0.98
CA LYS B 155 -35.59 11.28 0.19
C LYS B 155 -34.86 10.11 -0.48
N PRO B 156 -35.35 8.89 -0.28
CA PRO B 156 -34.61 7.71 -0.75
C PRO B 156 -34.31 7.73 -2.25
N VAL B 157 -33.09 7.35 -2.61
CA VAL B 157 -32.75 7.10 -4.01
C VAL B 157 -32.66 5.59 -4.16
N VAL B 158 -33.67 4.99 -4.78
CA VAL B 158 -33.74 3.54 -4.77
C VAL B 158 -33.46 2.90 -6.11
N ILE B 159 -32.67 1.83 -6.06
CA ILE B 159 -32.45 0.99 -7.22
C ILE B 159 -33.67 0.09 -7.40
N LEU B 160 -34.54 0.46 -8.32
CA LEU B 160 -35.80 -0.25 -8.51
C LEU B 160 -35.59 -1.61 -9.16
N SER B 161 -34.63 -1.69 -10.08
CA SER B 161 -34.23 -2.96 -10.66
C SER B 161 -32.82 -2.88 -11.22
N ALA B 162 -32.17 -4.04 -11.26
CA ALA B 162 -30.87 -4.19 -11.90
C ALA B 162 -30.93 -5.44 -12.75
N THR B 163 -30.55 -5.34 -14.02
CA THR B 163 -30.54 -6.52 -14.87
C THR B 163 -29.34 -6.55 -15.81
N VAL B 164 -28.86 -7.76 -16.09
CA VAL B 164 -27.85 -7.95 -17.13
C VAL B 164 -28.53 -7.81 -18.49
N LEU B 165 -27.88 -7.11 -19.41
CA LEU B 165 -28.47 -6.87 -20.72
C LEU B 165 -28.08 -7.94 -21.73
N PRO B 166 -28.93 -8.16 -22.75
CA PRO B 166 -28.59 -9.00 -23.91
C PRO B 166 -27.33 -8.53 -24.64
N ALA C 2 -17.54 1.39 3.99
CA ALA C 2 -17.57 2.82 3.69
C ALA C 2 -16.18 3.40 3.48
N PRO C 3 -15.78 3.55 2.20
CA PRO C 3 -14.49 4.14 1.85
C PRO C 3 -14.37 5.52 2.49
N ALA C 4 -13.39 5.68 3.36
CA ALA C 4 -13.17 6.96 4.01
C ALA C 4 -12.28 7.79 3.11
#